data_8FAX
#
_entry.id   8FAX
#
_cell.length_a   52.714
_cell.length_b   56.308
_cell.length_c   76.124
_cell.angle_alpha   90.000
_cell.angle_beta   91.191
_cell.angle_gamma   90.000
#
_symmetry.space_group_name_H-M   'P 1 21 1'
#
loop_
_entity.id
_entity.type
_entity.pdbx_description
1 polymer 1249A8-HC
2 polymer 1249A8-LC
3 polymer 'Spike glycoprotein'
4 non-polymer 'MAGNESIUM ION'
5 non-polymer 'CHLORIDE ION'
6 water water
#
loop_
_entity_poly.entity_id
_entity_poly.type
_entity_poly.pdbx_seq_one_letter_code
_entity_poly.pdbx_strand_id
1 'polypeptide(L)'
;QVQLVQSGAEVKKPGASMKVSCKASGFTFTDYYMHWVRQAPRQGLEWMGLINPSGSGTAYAQNFQGRVTLARDTSTSTLY
MEMGSLTSDDTAVYYCARMDSSGSYDHWGQGTLVTVSSASTKGPSVFPLAPSSKSTSGGTAALGCLVKDYFPEPVTVSWN
SGALTSGVHTFPAVLQSSGLYSLSSVVTVPSSSLGTQTYICNVNHKPSNTKVDKKVEPKSC
;
A
2 'polypeptide(L)'
;ETTLTQSPGTLSLSPGDRATLSCRASQTIRISYLAWYQQKPGQAPRLLVYGPSIRATGIPDRFSARGSGTDFTLTISRLE
PEDFAVYYCQHYGSSPPRYTFGQGTKLEIKRTVAAPSVFIFPPSDEQLKSGTASVVCLLNNFYPREAKVQWKVDNALQSG
NSQESVTEQDSKDSTYSLSSTLTLSKADYEKHKVYACEVTHQGLSSPVTKSFNRGEC
;
B
3 'polypeptide(L)' LGNSTGIDFQDELDEFFKNVSTS L
#
loop_
_chem_comp.id
_chem_comp.type
_chem_comp.name
_chem_comp.formula
CL non-polymer 'CHLORIDE ION' 'Cl -1'
MG non-polymer 'MAGNESIUM ION' 'Mg 2'
#
# COMPACT_ATOMS: atom_id res chain seq x y z
N GLN A 1 -8.22 -23.19 -9.24
CA GLN A 1 -7.49 -23.21 -10.50
C GLN A 1 -8.14 -22.30 -11.53
N VAL A 2 -8.85 -21.30 -11.02
CA VAL A 2 -9.21 -20.15 -11.81
C VAL A 2 -7.96 -19.29 -11.93
N GLN A 3 -7.60 -18.92 -13.14
CA GLN A 3 -6.46 -18.05 -13.37
C GLN A 3 -6.94 -16.80 -14.06
N LEU A 4 -6.61 -15.65 -13.49
CA LEU A 4 -6.81 -14.35 -14.12
C LEU A 4 -5.44 -13.70 -14.10
N VAL A 5 -4.76 -13.71 -15.24
CA VAL A 5 -3.37 -13.30 -15.31
C VAL A 5 -3.34 -11.96 -16.04
N GLN A 6 -3.01 -10.92 -15.30
CA GLN A 6 -3.07 -9.59 -15.85
C GLN A 6 -1.76 -9.23 -16.54
N SER A 7 -1.87 -8.34 -17.52
CA SER A 7 -0.71 -7.79 -18.20
C SER A 7 0.20 -7.09 -17.19
N GLY A 8 1.45 -6.86 -17.63
CA GLY A 8 2.47 -6.35 -16.73
C GLY A 8 2.30 -4.87 -16.44
N ALA A 9 3.05 -4.41 -15.44
CA ALA A 9 2.98 -3.04 -14.98
C ALA A 9 3.25 -2.08 -16.12
N GLU A 10 2.61 -0.93 -16.07
CA GLU A 10 2.74 0.08 -17.11
C GLU A 10 3.16 1.41 -16.51
N VAL A 11 3.99 2.14 -17.24
CA VAL A 11 4.29 3.52 -16.92
C VAL A 11 3.76 4.38 -18.06
N LYS A 12 3.13 5.47 -17.68
CA LYS A 12 2.45 6.32 -18.65
C LYS A 12 2.76 7.78 -18.36
N LYS A 13 2.92 8.56 -19.42
CA LYS A 13 2.97 10.00 -19.30
C LYS A 13 1.55 10.56 -19.20
N PRO A 14 1.36 11.70 -18.56
CA PRO A 14 0.00 12.26 -18.49
C PRO A 14 -0.53 12.60 -19.88
N GLY A 15 -1.84 12.41 -20.04
CA GLY A 15 -2.49 12.52 -21.33
C GLY A 15 -2.38 11.29 -22.19
N ALA A 16 -1.52 10.34 -21.84
CA ALA A 16 -1.43 9.09 -22.58
C ALA A 16 -2.67 8.24 -22.33
N SER A 17 -2.75 7.17 -23.12
CA SER A 17 -3.74 6.12 -22.97
C SER A 17 -3.05 4.83 -22.55
N MET A 18 -3.80 3.96 -21.90
CA MET A 18 -3.25 2.69 -21.47
C MET A 18 -4.21 1.58 -21.85
N LYS A 19 -3.67 0.40 -22.11
CA LYS A 19 -4.46 -0.79 -22.36
C LYS A 19 -3.92 -1.88 -21.47
N VAL A 20 -4.77 -2.40 -20.60
CA VAL A 20 -4.41 -3.46 -19.66
C VAL A 20 -5.23 -4.67 -20.02
N SER A 21 -4.68 -5.84 -19.74
CA SER A 21 -5.34 -7.08 -20.14
C SER A 21 -5.32 -8.06 -18.99
N CYS A 22 -6.21 -9.04 -19.10
CA CYS A 22 -6.33 -10.07 -18.09
C CYS A 22 -6.69 -11.35 -18.83
N LYS A 23 -5.80 -12.34 -18.79
CA LYS A 23 -6.04 -13.58 -19.51
C LYS A 23 -6.65 -14.59 -18.55
N ALA A 24 -7.80 -15.11 -18.94
CA ALA A 24 -8.48 -16.09 -18.11
C ALA A 24 -8.07 -17.48 -18.55
N SER A 25 -7.92 -18.36 -17.56
CA SER A 25 -7.85 -19.80 -17.80
C SER A 25 -8.46 -20.50 -16.60
N GLY A 26 -8.68 -21.80 -16.76
CA GLY A 26 -9.26 -22.59 -15.68
C GLY A 26 -10.75 -22.49 -15.54
N PHE A 27 -11.44 -21.70 -16.37
CA PHE A 27 -12.89 -21.62 -16.29
C PHE A 27 -13.44 -21.22 -17.66
N THR A 28 -14.74 -21.39 -17.81
CA THR A 28 -15.43 -21.02 -19.05
C THR A 28 -15.58 -19.50 -19.07
N PHE A 29 -14.64 -18.85 -19.74
CA PHE A 29 -14.58 -17.39 -19.78
C PHE A 29 -15.91 -16.77 -20.21
N THR A 30 -16.51 -17.31 -21.28
CA THR A 30 -17.72 -16.70 -21.82
C THR A 30 -18.95 -16.88 -20.95
N ASP A 31 -18.85 -17.49 -19.77
CA ASP A 31 -20.00 -17.56 -18.90
C ASP A 31 -20.04 -16.44 -17.86
N TYR A 32 -19.01 -15.61 -17.78
CA TYR A 32 -18.84 -14.71 -16.66
C TYR A 32 -18.78 -13.26 -17.10
N TYR A 33 -19.57 -12.43 -16.44
CA TYR A 33 -19.29 -11.01 -16.42
C TYR A 33 -17.91 -10.77 -15.82
N MET A 34 -17.16 -9.84 -16.41
CA MET A 34 -15.85 -9.46 -15.91
C MET A 34 -15.88 -7.97 -15.56
N HIS A 35 -15.12 -7.63 -14.54
CA HIS A 35 -15.14 -6.30 -14.00
C HIS A 35 -13.72 -5.78 -13.89
N TRP A 36 -13.59 -4.45 -13.88
CA TRP A 36 -12.33 -3.80 -13.59
C TRP A 36 -12.50 -2.93 -12.37
N VAL A 37 -11.54 -3.02 -11.47
CA VAL A 37 -11.52 -2.31 -10.21
C VAL A 37 -10.12 -1.73 -10.09
N ARG A 38 -10.01 -0.53 -9.56
CA ARG A 38 -8.68 0.00 -9.36
C ARG A 38 -8.52 0.41 -7.91
N GLN A 39 -7.26 0.51 -7.52
CA GLN A 39 -6.91 0.85 -6.16
C GLN A 39 -5.67 1.74 -6.23
N ALA A 40 -5.84 2.99 -5.91
CA ALA A 40 -4.73 3.93 -5.87
C ALA A 40 -3.91 3.68 -4.61
N PRO A 41 -2.64 4.13 -4.58
CA PRO A 41 -1.78 3.85 -3.44
C PRO A 41 -2.44 4.15 -2.10
N ARG A 42 -2.48 3.14 -1.23
CA ARG A 42 -3.03 3.24 0.12
C ARG A 42 -4.44 3.83 0.12
N GLN A 43 -5.17 3.62 -0.95
CA GLN A 43 -6.56 4.00 -1.02
C GLN A 43 -7.42 2.75 -1.18
N GLY A 44 -8.71 2.96 -1.33
CA GLY A 44 -9.66 1.87 -1.35
C GLY A 44 -9.91 1.37 -2.75
N LEU A 45 -10.80 0.40 -2.84
CA LEU A 45 -11.21 -0.13 -4.12
C LEU A 45 -12.19 0.82 -4.78
N GLU A 46 -12.10 0.90 -6.09
CA GLU A 46 -13.01 1.72 -6.85
C GLU A 46 -13.41 0.96 -8.09
N TRP A 47 -14.72 0.79 -8.29
CA TRP A 47 -15.21 0.13 -9.48
C TRP A 47 -15.01 1.00 -10.69
N MET A 48 -14.68 0.38 -11.79
CA MET A 48 -14.58 1.13 -13.03
C MET A 48 -15.62 0.71 -14.06
N GLY A 49 -15.91 -0.56 -14.15
CA GLY A 49 -16.83 -1.00 -15.18
C GLY A 49 -16.90 -2.51 -15.26
N LEU A 50 -17.89 -2.97 -16.01
CA LEU A 50 -18.06 -4.39 -16.23
C LEU A 50 -18.34 -4.61 -17.71
N ILE A 51 -18.16 -5.84 -18.15
CA ILE A 51 -18.51 -6.22 -19.51
C ILE A 51 -19.20 -7.57 -19.48
N ASN A 52 -20.29 -7.69 -20.25
CA ASN A 52 -21.08 -8.91 -20.22
C ASN A 52 -20.32 -10.03 -20.91
N PRO A 53 -20.79 -11.28 -20.78
CA PRO A 53 -19.99 -12.40 -21.28
C PRO A 53 -19.78 -12.41 -22.78
N SER A 54 -20.71 -11.84 -23.56
CA SER A 54 -20.55 -11.83 -25.00
C SER A 54 -19.57 -10.76 -25.47
N GLY A 55 -19.31 -9.75 -24.67
CA GLY A 55 -18.58 -8.59 -25.12
C GLY A 55 -19.45 -7.50 -25.72
N SER A 56 -20.76 -7.74 -25.82
CA SER A 56 -21.65 -6.78 -26.46
C SER A 56 -22.02 -5.63 -25.53
N GLY A 57 -22.00 -5.87 -24.22
CA GLY A 57 -22.52 -4.89 -23.29
C GLY A 57 -21.55 -4.53 -22.20
N THR A 58 -21.42 -3.25 -21.94
CA THR A 58 -20.55 -2.75 -20.88
C THR A 58 -21.33 -1.76 -20.05
N ALA A 59 -20.81 -1.51 -18.86
CA ALA A 59 -21.32 -0.46 -18.00
C ALA A 59 -20.14 0.06 -17.22
N TYR A 60 -20.02 1.38 -17.15
CA TYR A 60 -18.85 2.02 -16.55
C TYR A 60 -19.29 2.84 -15.35
N ALA A 61 -18.38 2.97 -14.39
CA ALA A 61 -18.61 3.90 -13.28
C ALA A 61 -18.77 5.31 -13.84
N GLN A 62 -19.62 6.10 -13.21
CA GLN A 62 -19.89 7.42 -13.75
C GLN A 62 -18.61 8.25 -13.85
N ASN A 63 -17.67 8.05 -12.92
CA ASN A 63 -16.41 8.81 -12.94
C ASN A 63 -15.48 8.38 -14.06
N PHE A 64 -15.78 7.32 -14.79
CA PHE A 64 -14.92 6.84 -15.86
C PHE A 64 -15.63 6.80 -17.20
N GLN A 65 -16.91 7.16 -17.26
CA GLN A 65 -17.60 7.15 -18.53
C GLN A 65 -16.97 8.15 -19.48
N GLY A 66 -16.64 7.70 -20.68
CA GLY A 66 -15.97 8.56 -21.63
C GLY A 66 -14.49 8.29 -21.77
N ARG A 67 -13.83 7.97 -20.65
CA ARG A 67 -12.39 7.75 -20.68
C ARG A 67 -12.00 6.29 -20.58
N VAL A 68 -12.95 5.37 -20.41
CA VAL A 68 -12.65 3.95 -20.24
C VAL A 68 -13.39 3.15 -21.30
N THR A 69 -12.71 2.17 -21.87
CA THR A 69 -13.31 1.19 -22.76
C THR A 69 -12.98 -0.21 -22.29
N LEU A 70 -14.00 -1.06 -22.17
CA LEU A 70 -13.82 -2.46 -21.85
C LEU A 70 -14.06 -3.29 -23.10
N ALA A 71 -13.22 -4.30 -23.30
CA ALA A 71 -13.39 -5.26 -24.36
C ALA A 71 -13.01 -6.63 -23.83
N ARG A 72 -13.48 -7.66 -24.51
CA ARG A 72 -13.02 -9.01 -24.23
C ARG A 72 -12.86 -9.75 -25.54
N ASP A 73 -11.95 -10.71 -25.55
CA ASP A 73 -11.57 -11.47 -26.73
C ASP A 73 -11.89 -12.92 -26.40
N THR A 74 -13.04 -13.38 -26.87
CA THR A 74 -13.45 -14.76 -26.60
C THR A 74 -12.42 -15.76 -27.11
N SER A 75 -11.74 -15.43 -28.20
CA SER A 75 -10.79 -16.36 -28.81
C SER A 75 -9.59 -16.59 -27.91
N THR A 76 -9.13 -15.55 -27.22
CA THR A 76 -7.98 -15.65 -26.32
C THR A 76 -8.39 -15.67 -24.86
N SER A 77 -9.68 -15.64 -24.57
CA SER A 77 -10.16 -15.60 -23.19
C SER A 77 -9.49 -14.45 -22.42
N THR A 78 -9.46 -13.28 -23.06
CA THR A 78 -8.71 -12.15 -22.54
C THR A 78 -9.62 -10.95 -22.36
N LEU A 79 -9.60 -10.40 -21.16
CA LEU A 79 -10.27 -9.16 -20.86
C LEU A 79 -9.32 -7.99 -21.07
N TYR A 80 -9.82 -6.93 -21.70
CA TYR A 80 -9.03 -5.72 -21.91
C TYR A 80 -9.73 -4.53 -21.28
N MET A 81 -8.94 -3.61 -20.77
CA MET A 81 -9.45 -2.29 -20.42
C MET A 81 -8.52 -1.25 -21.02
N GLU A 82 -9.12 -0.28 -21.70
CA GLU A 82 -8.39 0.85 -22.22
C GLU A 82 -8.87 2.11 -21.53
N MET A 83 -7.92 2.95 -21.12
CA MET A 83 -8.30 4.17 -20.43
C MET A 83 -7.45 5.31 -20.96
N GLY A 84 -8.09 6.46 -21.23
CA GLY A 84 -7.46 7.56 -21.92
C GLY A 84 -7.36 8.79 -21.06
N SER A 85 -6.60 9.78 -21.58
CA SER A 85 -6.38 11.04 -20.88
C SER A 85 -5.90 10.78 -19.46
N LEU A 86 -4.86 9.97 -19.35
CA LEU A 86 -4.37 9.59 -18.03
C LEU A 86 -3.80 10.80 -17.32
N THR A 87 -4.07 10.90 -16.03
CA THR A 87 -3.42 11.84 -15.16
C THR A 87 -2.74 11.05 -14.05
N SER A 88 -1.90 11.73 -13.28
CA SER A 88 -1.24 11.04 -12.19
C SER A 88 -2.24 10.46 -11.20
N ASP A 89 -3.46 11.01 -11.12
CA ASP A 89 -4.48 10.44 -10.25
C ASP A 89 -4.91 9.04 -10.67
N ASP A 90 -4.59 8.63 -11.89
CA ASP A 90 -4.90 7.28 -12.35
C ASP A 90 -3.80 6.30 -12.01
N THR A 91 -2.75 6.74 -11.33
CA THR A 91 -1.78 5.80 -10.78
C THR A 91 -2.48 4.89 -9.79
N ALA A 92 -2.47 3.59 -10.08
CA ALA A 92 -3.24 2.65 -9.30
C ALA A 92 -2.88 1.25 -9.76
N VAL A 93 -3.19 0.28 -8.91
CA VAL A 93 -3.27 -1.10 -9.34
C VAL A 93 -4.64 -1.35 -9.94
N TYR A 94 -4.65 -1.87 -11.16
CA TYR A 94 -5.90 -2.20 -11.85
C TYR A 94 -6.12 -3.70 -11.79
N TYR A 95 -7.31 -4.09 -11.33
CA TYR A 95 -7.67 -5.49 -11.14
C TYR A 95 -8.79 -5.86 -12.09
N CYS A 96 -8.65 -6.99 -12.78
CA CYS A 96 -9.81 -7.65 -13.35
C CYS A 96 -10.43 -8.52 -12.27
N ALA A 97 -11.74 -8.65 -12.31
CA ALA A 97 -12.40 -9.52 -11.36
C ALA A 97 -13.50 -10.27 -12.08
N ARG A 98 -13.58 -11.56 -11.79
CA ARG A 98 -14.67 -12.38 -12.28
C ARG A 98 -15.86 -12.22 -11.36
N MET A 99 -17.03 -11.97 -11.94
CA MET A 99 -18.24 -11.84 -11.14
C MET A 99 -18.89 -13.20 -10.96
N ASP A 100 -19.15 -13.58 -9.71
CA ASP A 100 -20.00 -14.71 -9.46
C ASP A 100 -21.44 -14.34 -9.81
N SER A 101 -22.28 -15.37 -10.00
CA SER A 101 -23.66 -15.11 -10.40
C SER A 101 -24.40 -14.27 -9.38
N SER A 102 -23.98 -14.37 -8.10
CA SER A 102 -24.54 -13.53 -7.04
C SER A 102 -24.26 -12.05 -7.25
N GLY A 103 -23.28 -11.70 -8.08
CA GLY A 103 -22.90 -10.32 -8.30
C GLY A 103 -21.62 -9.93 -7.62
N SER A 104 -21.12 -10.74 -6.69
CA SER A 104 -19.86 -10.49 -6.03
C SER A 104 -18.70 -11.02 -6.88
N TYR A 105 -17.51 -10.57 -6.55
CA TYR A 105 -16.31 -10.88 -7.33
C TYR A 105 -15.63 -12.06 -6.68
N ASP A 106 -15.75 -13.25 -7.27
CA ASP A 106 -15.21 -14.42 -6.60
C ASP A 106 -13.75 -14.66 -6.94
N HIS A 107 -13.26 -14.15 -8.05
CA HIS A 107 -11.86 -14.34 -8.38
C HIS A 107 -11.32 -13.07 -9.02
N TRP A 108 -10.11 -12.73 -8.64
CA TRP A 108 -9.45 -11.49 -9.02
C TRP A 108 -8.14 -11.82 -9.74
N GLY A 109 -7.74 -10.94 -10.67
CA GLY A 109 -6.39 -11.02 -11.19
C GLY A 109 -5.37 -10.58 -10.15
N GLN A 110 -4.09 -10.77 -10.47
CA GLN A 110 -3.07 -10.29 -9.53
C GLN A 110 -2.93 -8.77 -9.56
N GLY A 111 -3.57 -8.09 -10.51
CA GLY A 111 -3.44 -6.65 -10.50
C GLY A 111 -2.35 -6.17 -11.45
N THR A 112 -2.52 -4.95 -11.92
CA THR A 112 -1.58 -4.32 -12.83
C THR A 112 -1.30 -2.93 -12.29
N LEU A 113 -0.06 -2.70 -11.89
CA LEU A 113 0.36 -1.36 -11.51
C LEU A 113 0.41 -0.49 -12.75
N VAL A 114 -0.34 0.60 -12.75
CA VAL A 114 -0.18 1.62 -13.77
C VAL A 114 0.27 2.89 -13.09
N THR A 115 1.45 3.36 -13.45
CA THR A 115 2.01 4.58 -12.90
C THR A 115 1.89 5.65 -13.95
N VAL A 116 1.23 6.76 -13.60
CA VAL A 116 1.08 7.87 -14.52
C VAL A 116 1.83 9.05 -13.94
N SER A 117 2.83 9.50 -14.67
CA SER A 117 3.71 10.52 -14.13
C SER A 117 4.44 11.14 -15.30
N SER A 118 4.76 12.41 -15.14
CA SER A 118 5.68 13.01 -16.08
C SER A 118 7.14 12.65 -15.78
N ALA A 119 7.38 11.92 -14.69
CA ALA A 119 8.74 11.50 -14.38
C ALA A 119 9.21 10.49 -15.40
N SER A 120 10.52 10.41 -15.58
CA SER A 120 11.14 9.45 -16.47
C SER A 120 11.75 8.32 -15.66
N THR A 121 11.82 7.14 -16.27
CA THR A 121 12.43 6.01 -15.62
C THR A 121 13.82 6.40 -15.10
N LYS A 122 14.07 6.08 -13.84
CA LYS A 122 15.37 6.41 -13.26
C LYS A 122 15.71 5.38 -12.21
N GLY A 123 16.95 4.91 -12.23
CA GLY A 123 17.43 3.99 -11.24
C GLY A 123 17.62 4.68 -9.91
N PRO A 124 17.53 3.92 -8.82
CA PRO A 124 17.72 4.51 -7.50
C PRO A 124 19.19 4.78 -7.21
N SER A 125 19.40 5.84 -6.44
CA SER A 125 20.63 6.00 -5.67
C SER A 125 20.38 5.34 -4.32
N VAL A 126 21.36 4.58 -3.86
CA VAL A 126 21.20 3.86 -2.61
C VAL A 126 22.24 4.37 -1.64
N PHE A 127 21.77 5.01 -0.57
CA PHE A 127 22.63 5.61 0.42
C PHE A 127 22.56 4.86 1.74
N PRO A 128 23.69 4.57 2.36
CA PRO A 128 23.65 3.89 3.65
C PRO A 128 22.97 4.77 4.69
N LEU A 129 22.14 4.13 5.52
CA LEU A 129 21.65 4.70 6.78
C LEU A 129 22.61 4.20 7.83
N ALA A 130 23.65 4.97 8.05
CA ALA A 130 24.80 4.51 8.80
C ALA A 130 24.47 4.44 10.27
N PRO A 131 24.52 3.25 10.89
CA PRO A 131 24.19 3.15 12.31
C PRO A 131 25.23 3.86 13.16
N SER A 132 24.80 4.31 14.33
CA SER A 132 25.69 5.00 15.23
C SER A 132 25.07 4.93 16.63
N SER A 133 25.67 5.66 17.57
CA SER A 133 25.05 5.83 18.86
C SER A 133 23.69 6.48 18.72
N LYS A 134 23.49 7.29 17.66
CA LYS A 134 22.23 7.95 17.40
C LYS A 134 21.17 7.03 16.82
N SER A 135 21.53 5.83 16.44
CA SER A 135 20.58 4.83 15.99
C SER A 135 20.72 3.57 16.83
N THR A 136 21.12 3.76 18.09
CA THR A 136 21.34 2.70 19.05
C THR A 136 20.54 2.99 20.29
N SER A 137 19.76 2.02 20.74
CA SER A 137 18.98 2.14 21.98
C SER A 137 19.16 0.84 22.76
N GLY A 138 20.10 0.85 23.70
CA GLY A 138 20.30 -0.24 24.65
C GLY A 138 20.17 -1.64 24.12
N GLY A 139 21.19 -2.10 23.40
CA GLY A 139 21.20 -3.45 22.88
C GLY A 139 20.65 -3.58 21.48
N THR A 140 19.83 -2.63 21.04
CA THR A 140 19.22 -2.65 19.73
C THR A 140 19.75 -1.47 18.92
N ALA A 141 20.16 -1.74 17.68
CA ALA A 141 20.62 -0.69 16.79
C ALA A 141 19.83 -0.78 15.49
N ALA A 142 19.77 0.31 14.77
CA ALA A 142 19.15 0.26 13.46
C ALA A 142 20.11 0.80 12.44
N LEU A 143 20.11 0.15 11.29
CA LEU A 143 20.86 0.57 10.14
C LEU A 143 19.95 0.37 8.95
N GLY A 144 20.36 0.89 7.81
CA GLY A 144 19.56 0.62 6.64
C GLY A 144 20.15 1.24 5.41
N CYS A 145 19.32 1.26 4.37
N CYS A 145 19.34 1.26 4.35
CA CYS A 145 19.65 1.89 3.12
CA CYS A 145 19.72 1.88 3.10
C CYS A 145 18.51 2.81 2.75
C CYS A 145 18.57 2.74 2.59
N LEU A 146 18.86 4.00 2.31
CA LEU A 146 17.90 4.91 1.74
C LEU A 146 17.91 4.69 0.24
N VAL A 147 16.83 4.12 -0.31
CA VAL A 147 16.76 3.80 -1.73
C VAL A 147 16.00 4.96 -2.38
N LYS A 148 16.73 5.89 -2.98
CA LYS A 148 16.19 7.20 -3.24
C LYS A 148 16.17 7.54 -4.72
N ASP A 149 15.13 8.30 -5.11
CA ASP A 149 15.05 8.95 -6.41
C ASP A 149 14.97 7.92 -7.53
N TYR A 150 14.09 6.96 -7.36
CA TYR A 150 13.86 6.03 -8.44
C TYR A 150 12.45 6.18 -8.98
N PHE A 151 12.27 5.70 -10.17
CA PHE A 151 10.98 5.73 -10.81
C PHE A 151 11.04 4.75 -11.97
N PRO A 152 9.99 3.97 -12.20
CA PRO A 152 8.84 3.93 -11.31
C PRO A 152 9.03 2.90 -10.20
N GLU A 153 8.00 2.74 -9.39
CA GLU A 153 7.87 1.53 -8.59
C GLU A 153 7.85 0.31 -9.52
N PRO A 154 8.25 -0.87 -9.03
CA PRO A 154 8.79 -1.09 -7.70
C PRO A 154 10.27 -1.32 -7.75
N VAL A 155 10.87 -1.24 -6.59
CA VAL A 155 12.21 -1.73 -6.37
C VAL A 155 12.06 -2.99 -5.54
N THR A 156 13.01 -3.90 -5.65
CA THR A 156 13.09 -5.01 -4.70
C THR A 156 14.37 -4.84 -3.90
N VAL A 157 14.26 -4.98 -2.58
CA VAL A 157 15.37 -4.78 -1.67
C VAL A 157 15.57 -6.06 -0.88
N SER A 158 16.79 -6.57 -0.89
CA SER A 158 17.19 -7.66 -0.01
C SER A 158 18.40 -7.20 0.76
N TRP A 159 18.68 -7.89 1.86
CA TRP A 159 19.88 -7.66 2.65
C TRP A 159 20.72 -8.92 2.64
N ASN A 160 22.00 -8.76 2.30
CA ASN A 160 22.95 -9.86 2.24
C ASN A 160 22.46 -10.96 1.31
N SER A 161 21.94 -10.55 0.17
CA SER A 161 21.49 -11.44 -0.90
C SER A 161 20.42 -12.41 -0.40
N GLY A 162 19.57 -11.94 0.52
CA GLY A 162 18.51 -12.76 1.07
C GLY A 162 18.87 -13.53 2.32
N ALA A 163 20.15 -13.69 2.63
CA ALA A 163 20.53 -14.47 3.81
C ALA A 163 20.05 -13.80 5.08
N LEU A 164 19.83 -12.48 5.04
CA LEU A 164 19.44 -11.71 6.21
C LEU A 164 17.97 -11.33 6.06
N THR A 165 17.14 -11.93 6.88
CA THR A 165 15.74 -11.56 6.98
C THR A 165 15.39 -11.04 8.37
N SER A 166 16.05 -11.54 9.39
CA SER A 166 15.75 -11.14 10.75
C SER A 166 15.96 -9.65 10.94
N GLY A 167 14.93 -8.97 11.40
CA GLY A 167 15.06 -7.56 11.68
C GLY A 167 14.94 -6.65 10.48
N VAL A 168 14.77 -7.22 9.30
CA VAL A 168 14.69 -6.42 8.08
C VAL A 168 13.30 -5.84 7.94
N HIS A 169 13.21 -4.55 7.64
CA HIS A 169 11.93 -3.96 7.27
C HIS A 169 12.16 -2.92 6.18
N THR A 170 11.67 -3.22 4.98
CA THR A 170 11.67 -2.26 3.89
C THR A 170 10.35 -1.50 3.95
N PHE A 171 10.44 -0.16 4.12
CA PHE A 171 9.25 0.67 4.28
C PHE A 171 8.54 0.85 2.94
N PRO A 172 7.23 1.10 2.97
CA PRO A 172 6.54 1.50 1.75
C PRO A 172 7.18 2.74 1.17
N ALA A 173 7.36 2.72 -0.15
CA ALA A 173 7.91 3.86 -0.85
C ALA A 173 7.04 5.09 -0.65
N VAL A 174 7.68 6.25 -0.64
CA VAL A 174 6.98 7.53 -0.66
C VAL A 174 7.28 8.18 -2.01
N LEU A 175 6.28 8.81 -2.60
CA LEU A 175 6.46 9.60 -3.80
C LEU A 175 6.92 11.00 -3.41
N GLN A 176 8.12 11.39 -3.87
CA GLN A 176 8.69 12.67 -3.51
C GLN A 176 8.12 13.79 -4.39
N SER A 177 8.39 15.04 -3.99
CA SER A 177 8.02 16.18 -4.82
C SER A 177 8.50 15.99 -6.25
N SER A 178 9.74 15.51 -6.41
CA SER A 178 10.36 15.37 -7.71
C SER A 178 9.62 14.43 -8.65
N GLY A 179 8.56 13.77 -8.17
CA GLY A 179 7.96 12.69 -8.94
C GLY A 179 8.70 11.38 -8.84
N LEU A 180 9.78 11.32 -8.07
CA LEU A 180 10.58 10.13 -7.91
C LEU A 180 10.23 9.46 -6.58
N TYR A 181 10.40 8.15 -6.52
CA TYR A 181 10.10 7.44 -5.30
C TYR A 181 11.34 7.35 -4.44
N SER A 182 11.13 7.24 -3.15
CA SER A 182 12.19 6.93 -2.22
C SER A 182 11.63 6.04 -1.14
N LEU A 183 12.44 5.10 -0.68
CA LEU A 183 12.06 4.27 0.45
C LEU A 183 13.26 4.12 1.35
N SER A 184 13.00 3.64 2.55
CA SER A 184 14.04 3.26 3.48
C SER A 184 13.86 1.79 3.79
N SER A 185 14.94 1.04 3.69
CA SER A 185 14.99 -0.34 4.12
C SER A 185 15.86 -0.39 5.35
N VAL A 186 15.28 -0.84 6.46
CA VAL A 186 15.91 -0.76 7.77
C VAL A 186 16.14 -2.17 8.29
N VAL A 187 17.27 -2.35 8.98
CA VAL A 187 17.56 -3.56 9.72
C VAL A 187 17.75 -3.19 11.17
N THR A 188 16.90 -3.73 12.03
CA THR A 188 17.15 -3.70 13.47
C THR A 188 18.16 -4.80 13.79
N VAL A 189 19.25 -4.43 14.45
CA VAL A 189 20.30 -5.40 14.75
C VAL A 189 20.69 -5.25 16.21
N PRO A 190 21.32 -6.27 16.79
CA PRO A 190 21.98 -6.08 18.08
C PRO A 190 23.09 -5.06 17.93
N SER A 191 23.17 -4.15 18.89
CA SER A 191 24.27 -3.18 18.90
C SER A 191 25.60 -3.88 18.79
N SER A 192 25.72 -5.06 19.39
CA SER A 192 26.93 -5.85 19.25
C SER A 192 27.25 -6.21 17.80
N SER A 193 26.27 -6.17 16.91
CA SER A 193 26.53 -6.52 15.52
C SER A 193 27.21 -5.42 14.74
N LEU A 194 27.14 -4.18 15.23
CA LEU A 194 27.74 -3.07 14.51
C LEU A 194 29.25 -3.26 14.48
N GLY A 195 29.82 -3.23 13.28
CA GLY A 195 31.24 -3.39 13.12
C GLY A 195 31.74 -4.81 13.14
N THR A 196 30.90 -5.79 13.41
CA THR A 196 31.31 -7.18 13.29
C THR A 196 30.57 -7.93 12.21
N GLN A 197 29.33 -7.56 11.95
CA GLN A 197 28.52 -8.18 10.93
C GLN A 197 28.49 -7.28 9.72
N THR A 198 28.58 -7.90 8.54
CA THR A 198 28.49 -7.18 7.30
C THR A 198 27.02 -7.07 6.89
N TYR A 199 26.62 -5.89 6.47
CA TYR A 199 25.24 -5.60 6.05
C TYR A 199 25.31 -4.97 4.68
N ILE A 200 24.79 -5.66 3.69
CA ILE A 200 24.73 -5.14 2.34
C ILE A 200 23.29 -5.17 1.91
N CYS A 201 22.75 -4.03 1.55
N CYS A 201 22.81 -4.04 1.42
CA CYS A 201 21.43 -3.99 0.97
CA CYS A 201 21.46 -3.89 0.94
C CYS A 201 21.59 -4.17 -0.53
C CYS A 201 21.46 -4.01 -0.58
N ASN A 202 20.79 -5.03 -1.10
CA ASN A 202 20.81 -5.31 -2.53
C ASN A 202 19.53 -4.78 -3.12
N VAL A 203 19.66 -3.92 -4.11
CA VAL A 203 18.53 -3.21 -4.68
C VAL A 203 18.48 -3.53 -6.16
N ASN A 204 17.36 -4.08 -6.59
CA ASN A 204 17.12 -4.34 -7.99
C ASN A 204 16.02 -3.40 -8.46
N HIS A 205 16.29 -2.69 -9.54
CA HIS A 205 15.28 -1.85 -10.13
C HIS A 205 15.13 -2.28 -11.57
N LYS A 206 14.24 -3.25 -11.79
CA LYS A 206 14.01 -3.75 -13.14
C LYS A 206 13.62 -2.65 -14.12
N PRO A 207 12.73 -1.71 -13.81
CA PRO A 207 12.34 -0.73 -14.85
C PRO A 207 13.49 0.06 -15.43
N SER A 208 14.50 0.41 -14.64
CA SER A 208 15.64 1.14 -15.17
C SER A 208 16.81 0.22 -15.50
N ASN A 209 16.64 -1.10 -15.37
CA ASN A 209 17.74 -2.05 -15.56
C ASN A 209 18.93 -1.71 -14.67
N THR A 210 18.67 -1.47 -13.39
CA THR A 210 19.72 -1.09 -12.47
C THR A 210 19.76 -2.05 -11.29
N LYS A 211 20.96 -2.30 -10.81
CA LYS A 211 21.21 -3.04 -9.59
C LYS A 211 22.15 -2.22 -8.74
N VAL A 212 21.87 -2.16 -7.45
CA VAL A 212 22.73 -1.45 -6.53
C VAL A 212 22.96 -2.36 -5.34
N ASP A 213 24.15 -2.29 -4.80
CA ASP A 213 24.48 -2.92 -3.53
C ASP A 213 25.17 -1.86 -2.71
N LYS A 214 24.86 -1.81 -1.42
CA LYS A 214 25.47 -0.82 -0.55
C LYS A 214 25.83 -1.53 0.73
N LYS A 215 27.12 -1.69 0.98
CA LYS A 215 27.53 -2.12 2.31
C LYS A 215 27.26 -0.98 3.28
N VAL A 216 26.61 -1.29 4.39
CA VAL A 216 26.28 -0.27 5.38
C VAL A 216 27.22 -0.47 6.56
N GLU A 217 28.04 0.54 6.83
CA GLU A 217 28.98 0.50 7.93
C GLU A 217 28.64 1.56 8.96
N PRO A 218 29.03 1.35 10.23
CA PRO A 218 28.73 2.33 11.27
C PRO A 218 29.46 3.65 11.07
N LYS A 219 28.81 4.72 11.52
CA LYS A 219 29.46 5.99 11.81
C LYS A 219 29.69 6.10 13.30
N SER A 220 30.68 6.90 13.67
CA SER A 220 30.97 7.21 15.06
C SER A 220 30.42 8.60 15.37
N CYS A 221 29.42 8.66 16.25
CA CYS A 221 28.70 9.90 16.53
C CYS A 221 28.45 10.04 18.02
N THR B 2 -25.90 5.64 -4.48
CA THR B 2 -25.63 4.99 -3.19
C THR B 2 -24.13 4.90 -2.93
N THR B 3 -23.69 5.50 -1.84
CA THR B 3 -22.32 5.36 -1.37
C THR B 3 -22.30 4.53 -0.10
N LEU B 4 -21.17 3.89 0.16
CA LEU B 4 -20.98 3.06 1.34
C LEU B 4 -19.89 3.68 2.21
N THR B 5 -20.14 3.74 3.51
CA THR B 5 -19.17 4.27 4.45
C THR B 5 -18.96 3.23 5.52
N GLN B 6 -17.72 2.84 5.71
CA GLN B 6 -17.39 1.79 6.68
C GLN B 6 -16.91 2.42 7.98
N SER B 7 -17.14 1.70 9.08
CA SER B 7 -16.66 2.13 10.36
C SER B 7 -16.34 0.90 11.19
N PRO B 8 -15.35 1.00 12.10
CA PRO B 8 -14.52 2.20 12.20
C PRO B 8 -13.51 2.20 11.06
N GLY B 9 -12.71 3.24 10.91
CA GLY B 9 -11.67 3.19 9.89
C GLY B 9 -10.60 2.19 10.25
N THR B 10 -10.28 2.09 11.53
CA THR B 10 -9.33 1.11 12.04
C THR B 10 -9.94 0.45 13.25
N LEU B 11 -9.98 -0.86 13.23
CA LEU B 11 -10.48 -1.67 14.33
C LEU B 11 -9.30 -2.43 14.90
N SER B 12 -9.04 -2.26 16.19
CA SER B 12 -7.91 -2.88 16.85
C SER B 12 -8.43 -3.94 17.80
N LEU B 13 -8.08 -5.20 17.52
CA LEU B 13 -8.53 -6.33 18.31
C LEU B 13 -7.39 -7.30 18.48
N SER B 14 -7.60 -8.22 19.27
CA SER B 14 -6.67 -9.29 19.54
C SER B 14 -7.10 -10.55 18.82
N PRO B 15 -6.16 -11.39 18.41
CA PRO B 15 -6.53 -12.69 17.85
C PRO B 15 -7.45 -13.42 18.81
N GLY B 16 -8.42 -14.15 18.26
CA GLY B 16 -9.43 -14.78 19.07
C GLY B 16 -10.62 -13.89 19.43
N ASP B 17 -10.50 -12.58 19.25
CA ASP B 17 -11.65 -11.73 19.54
C ASP B 17 -12.73 -11.89 18.48
N ARG B 18 -13.90 -11.37 18.81
CA ARG B 18 -14.99 -11.28 17.87
C ARG B 18 -14.98 -9.87 17.29
N ALA B 19 -14.83 -9.77 15.97
CA ALA B 19 -14.81 -8.50 15.28
C ALA B 19 -16.15 -8.25 14.60
N THR B 20 -16.65 -7.03 14.74
CA THR B 20 -17.78 -6.59 13.96
C THR B 20 -17.38 -5.34 13.21
N LEU B 21 -17.47 -5.40 11.89
CA LEU B 21 -17.15 -4.29 11.02
C LEU B 21 -18.45 -3.77 10.42
N SER B 22 -18.60 -2.45 10.37
CA SER B 22 -19.85 -1.84 9.94
C SER B 22 -19.71 -1.19 8.57
N CYS B 23 -20.75 -1.36 7.76
CA CYS B 23 -20.87 -0.71 6.46
C CYS B 23 -22.17 0.07 6.47
N ARG B 24 -22.10 1.36 6.18
CA ARG B 24 -23.30 2.22 6.23
C ARG B 24 -23.59 2.74 4.83
N ALA B 25 -24.78 2.42 4.32
CA ALA B 25 -25.19 2.84 3.00
C ALA B 25 -25.88 4.19 3.11
N SER B 26 -25.74 5.02 2.07
CA SER B 26 -26.35 6.34 2.11
C SER B 26 -27.85 6.24 2.04
N GLN B 27 -28.36 5.15 1.49
CA GLN B 27 -29.78 4.90 1.43
C GLN B 27 -29.97 3.41 1.59
N THR B 28 -31.22 3.04 1.83
CA THR B 28 -31.56 1.65 2.08
C THR B 28 -31.13 0.79 0.90
N ILE B 29 -30.52 -0.34 1.21
CA ILE B 29 -30.16 -1.34 0.22
C ILE B 29 -30.53 -2.70 0.79
N ARG B 30 -30.54 -3.71 -0.07
CA ARG B 30 -30.86 -5.06 0.34
C ARG B 30 -29.58 -5.83 0.58
N ILE B 31 -29.57 -6.65 1.63
CA ILE B 31 -28.35 -7.35 1.99
C ILE B 31 -27.88 -8.23 0.84
N SER B 32 -28.82 -8.71 0.01
CA SER B 32 -28.45 -9.62 -1.08
C SER B 32 -27.52 -8.97 -2.07
N TYR B 33 -27.45 -7.64 -2.08
CA TYR B 33 -26.62 -6.89 -3.00
C TYR B 33 -25.45 -6.23 -2.26
N LEU B 34 -25.01 -6.85 -1.19
CA LEU B 34 -23.89 -6.38 -0.40
C LEU B 34 -22.90 -7.53 -0.23
N ALA B 35 -21.64 -7.26 -0.55
CA ALA B 35 -20.61 -8.27 -0.42
C ALA B 35 -19.45 -7.69 0.39
N TRP B 36 -18.68 -8.59 0.99
CA TRP B 36 -17.55 -8.22 1.86
C TRP B 36 -16.28 -8.87 1.35
N TYR B 37 -15.21 -8.09 1.31
CA TYR B 37 -13.93 -8.55 0.80
C TYR B 37 -12.84 -8.30 1.82
N GLN B 38 -11.86 -9.18 1.80
CA GLN B 38 -10.66 -9.04 2.60
C GLN B 38 -9.50 -8.76 1.66
N GLN B 39 -8.60 -7.87 2.07
CA GLN B 39 -7.40 -7.59 1.30
C GLN B 39 -6.23 -7.44 2.25
N LYS B 40 -5.27 -8.23 2.08
CA LYS B 40 -3.98 -8.08 2.74
C LYS B 40 -3.05 -7.24 1.87
N PRO B 41 -2.11 -6.53 2.51
CA PRO B 41 -1.18 -5.67 1.75
C PRO B 41 -0.44 -6.44 0.67
N GLY B 42 -0.33 -5.82 -0.50
CA GLY B 42 0.33 -6.47 -1.61
C GLY B 42 -0.42 -7.62 -2.20
N GLN B 43 -1.68 -7.83 -1.83
CA GLN B 43 -2.50 -8.89 -2.37
C GLN B 43 -3.77 -8.33 -2.98
N ALA B 44 -4.34 -9.09 -3.92
CA ALA B 44 -5.66 -8.80 -4.43
C ALA B 44 -6.72 -9.08 -3.36
N PRO B 45 -7.85 -8.40 -3.41
CA PRO B 45 -8.91 -8.69 -2.45
C PRO B 45 -9.42 -10.11 -2.64
N ARG B 46 -10.04 -10.62 -1.60
CA ARG B 46 -10.66 -11.93 -1.60
C ARG B 46 -12.08 -11.79 -1.09
N LEU B 47 -13.03 -12.31 -1.85
CA LEU B 47 -14.41 -12.30 -1.41
C LEU B 47 -14.57 -13.16 -0.17
N LEU B 48 -15.25 -12.63 0.85
CA LEU B 48 -15.52 -13.38 2.06
C LEU B 48 -16.95 -13.87 2.13
N VAL B 49 -17.89 -12.94 2.10
CA VAL B 49 -19.29 -13.21 2.39
C VAL B 49 -20.09 -12.26 1.51
N TYR B 50 -21.25 -12.72 1.07
CA TYR B 50 -22.12 -11.85 0.30
C TYR B 50 -23.55 -12.18 0.66
N GLY B 51 -24.43 -11.21 0.43
CA GLY B 51 -25.82 -11.40 0.71
C GLY B 51 -26.05 -11.72 2.17
N PRO B 52 -27.10 -12.50 2.43
CA PRO B 52 -27.53 -12.87 3.78
C PRO B 52 -26.60 -13.93 4.39
N SER B 53 -25.35 -13.51 4.58
CA SER B 53 -24.32 -14.35 5.20
C SER B 53 -24.02 -15.59 4.36
N ILE B 54 -24.01 -15.43 3.04
CA ILE B 54 -23.52 -16.51 2.20
C ILE B 54 -22.01 -16.39 2.13
N ARG B 55 -21.31 -17.38 2.65
CA ARG B 55 -19.85 -17.35 2.64
C ARG B 55 -19.33 -17.79 1.29
N ALA B 56 -18.31 -17.09 0.80
CA ALA B 56 -17.66 -17.50 -0.43
C ALA B 56 -17.06 -18.90 -0.27
N THR B 57 -16.79 -19.52 -1.41
CA THR B 57 -16.23 -20.86 -1.44
C THR B 57 -14.97 -20.92 -0.59
N GLY B 58 -14.95 -21.85 0.36
CA GLY B 58 -13.81 -22.04 1.23
C GLY B 58 -13.64 -21.01 2.31
N ILE B 59 -14.60 -20.09 2.47
CA ILE B 59 -14.47 -19.10 3.54
C ILE B 59 -14.97 -19.77 4.81
N PRO B 60 -14.15 -19.81 5.86
CA PRO B 60 -14.56 -20.48 7.10
C PRO B 60 -15.79 -19.85 7.72
N ASP B 61 -16.39 -20.62 8.62
CA ASP B 61 -17.69 -20.29 9.20
C ASP B 61 -17.60 -19.12 10.19
N ARG B 62 -16.40 -18.75 10.64
CA ARG B 62 -16.24 -17.59 11.51
C ARG B 62 -16.57 -16.26 10.83
N PHE B 63 -16.68 -16.23 9.51
CA PHE B 63 -17.09 -15.02 8.79
C PHE B 63 -18.59 -15.05 8.55
N SER B 64 -19.31 -14.02 9.01
CA SER B 64 -20.71 -13.85 8.68
C SER B 64 -21.02 -12.39 8.44
N ALA B 65 -22.18 -12.16 7.82
CA ALA B 65 -22.61 -10.80 7.51
C ALA B 65 -24.11 -10.72 7.73
N ARG B 66 -24.55 -9.52 8.06
CA ARG B 66 -25.97 -9.32 8.35
C ARG B 66 -26.24 -7.83 8.23
N GLY B 67 -27.52 -7.49 8.35
CA GLY B 67 -27.94 -6.11 8.40
C GLY B 67 -29.09 -5.84 7.45
N SER B 68 -29.64 -4.66 7.61
CA SER B 68 -30.78 -4.23 6.81
C SER B 68 -30.79 -2.72 6.80
N GLY B 69 -31.62 -2.17 5.92
CA GLY B 69 -31.76 -0.74 5.81
C GLY B 69 -30.50 -0.09 5.30
N THR B 70 -29.86 0.72 6.14
CA THR B 70 -28.58 1.32 5.83
C THR B 70 -27.45 0.73 6.65
N ASP B 71 -27.73 -0.18 7.59
CA ASP B 71 -26.76 -0.69 8.57
C ASP B 71 -26.40 -2.14 8.25
N PHE B 72 -25.17 -2.40 7.87
CA PHE B 72 -24.74 -3.77 7.63
C PHE B 72 -23.43 -4.03 8.35
N THR B 73 -23.26 -5.29 8.72
CA THR B 73 -22.08 -5.68 9.47
C THR B 73 -21.49 -6.95 8.90
N LEU B 74 -20.18 -7.01 8.99
CA LEU B 74 -19.40 -8.22 8.82
C LEU B 74 -18.90 -8.62 10.19
N THR B 75 -19.09 -9.89 10.55
CA THR B 75 -18.59 -10.38 11.81
C THR B 75 -17.58 -11.48 11.55
N ILE B 76 -16.45 -11.38 12.24
CA ILE B 76 -15.48 -12.46 12.33
C ILE B 76 -15.53 -12.91 13.79
N SER B 77 -16.09 -14.11 14.02
CA SER B 77 -16.43 -14.51 15.38
C SER B 77 -15.19 -14.83 16.22
N ARG B 78 -14.08 -15.18 15.58
CA ARG B 78 -12.85 -15.49 16.31
C ARG B 78 -11.69 -15.16 15.40
N LEU B 79 -10.98 -14.08 15.71
CA LEU B 79 -9.95 -13.57 14.82
C LEU B 79 -8.74 -14.48 14.79
N GLU B 80 -8.35 -14.88 13.60
CA GLU B 80 -7.11 -15.57 13.39
C GLU B 80 -6.04 -14.56 13.00
N PRO B 81 -4.77 -14.86 13.22
CA PRO B 81 -3.72 -13.92 12.79
C PRO B 81 -3.82 -13.51 11.34
N GLU B 82 -4.21 -14.42 10.45
CA GLU B 82 -4.37 -14.05 9.06
C GLU B 82 -5.58 -13.14 8.81
N ASP B 83 -6.45 -12.94 9.80
CA ASP B 83 -7.64 -12.12 9.54
C ASP B 83 -7.37 -10.64 9.69
N PHE B 84 -6.19 -10.26 10.17
CA PHE B 84 -5.86 -8.85 10.33
C PHE B 84 -5.43 -8.31 8.98
N ALA B 85 -6.28 -7.47 8.42
CA ALA B 85 -6.26 -7.12 7.02
C ALA B 85 -7.21 -5.94 6.87
N VAL B 86 -7.39 -5.49 5.64
CA VAL B 86 -8.36 -4.46 5.33
C VAL B 86 -9.60 -5.14 4.78
N TYR B 87 -10.76 -4.65 5.18
CA TYR B 87 -12.04 -5.22 4.79
C TYR B 87 -12.82 -4.17 4.04
N TYR B 88 -13.40 -4.56 2.90
CA TYR B 88 -14.21 -3.68 2.07
C TYR B 88 -15.59 -4.28 1.97
N CYS B 89 -16.61 -3.44 2.16
CA CYS B 89 -17.92 -3.82 1.69
C CYS B 89 -18.09 -3.32 0.26
N GLN B 90 -19.05 -3.90 -0.43
CA GLN B 90 -19.27 -3.57 -1.82
C GLN B 90 -20.76 -3.69 -2.06
N HIS B 91 -21.34 -2.71 -2.74
CA HIS B 91 -22.76 -2.77 -3.07
C HIS B 91 -22.90 -2.72 -4.58
N TYR B 92 -23.89 -3.44 -5.10
CA TYR B 92 -24.08 -3.45 -6.52
C TYR B 92 -25.55 -3.39 -6.86
N GLY B 93 -25.83 -2.76 -8.00
CA GLY B 93 -27.18 -2.69 -8.53
C GLY B 93 -27.13 -3.00 -10.00
N SER B 94 -28.26 -3.42 -10.53
CA SER B 94 -28.32 -3.94 -11.88
C SER B 94 -28.95 -3.00 -12.88
N SER B 95 -29.63 -1.95 -12.44
CA SER B 95 -30.35 -1.05 -13.34
C SER B 95 -30.19 0.39 -12.88
N PRO B 96 -29.18 1.09 -13.37
CA PRO B 96 -28.17 0.56 -14.29
C PRO B 96 -27.08 -0.17 -13.50
N PRO B 97 -26.29 -1.00 -14.18
CA PRO B 97 -25.21 -1.70 -13.49
C PRO B 97 -24.29 -0.71 -12.80
N ARG B 98 -24.17 -0.87 -11.49
CA ARG B 98 -23.33 0.01 -10.69
C ARG B 98 -22.77 -0.80 -9.55
N TYR B 99 -21.50 -0.58 -9.27
CA TYR B 99 -20.83 -1.13 -8.10
C TYR B 99 -20.23 0.02 -7.30
N THR B 100 -20.12 -0.19 -6.00
CA THR B 100 -19.46 0.81 -5.17
C THR B 100 -18.87 0.08 -3.97
N PHE B 101 -17.77 0.60 -3.48
CA PHE B 101 -17.10 0.02 -2.33
C PHE B 101 -17.13 1.00 -1.18
N GLY B 102 -17.24 0.48 0.03
CA GLY B 102 -16.84 1.24 1.19
C GLY B 102 -15.36 1.59 1.11
N GLN B 103 -14.93 2.49 1.99
CA GLN B 103 -13.56 2.96 1.91
C GLN B 103 -12.56 2.02 2.59
N GLY B 104 -13.05 0.94 3.19
CA GLY B 104 -12.16 -0.02 3.84
C GLY B 104 -12.02 0.19 5.33
N THR B 105 -12.00 -0.90 6.09
CA THR B 105 -11.69 -0.86 7.52
C THR B 105 -10.43 -1.68 7.76
N LYS B 106 -9.43 -1.07 8.38
CA LYS B 106 -8.25 -1.84 8.74
C LYS B 106 -8.51 -2.58 10.04
N LEU B 107 -8.26 -3.88 10.02
CA LEU B 107 -8.31 -4.70 11.22
C LEU B 107 -6.88 -4.86 11.72
N GLU B 108 -6.58 -4.18 12.82
CA GLU B 108 -5.23 -4.07 13.37
C GLU B 108 -5.12 -4.90 14.63
N ILE B 109 -3.91 -5.38 14.91
CA ILE B 109 -3.66 -6.11 16.15
C ILE B 109 -3.62 -5.14 17.31
N LYS B 110 -4.51 -5.34 18.26
CA LYS B 110 -4.46 -4.65 19.55
C LYS B 110 -3.20 -5.03 20.31
N ARG B 111 -2.58 -4.06 20.97
CA ARG B 111 -1.43 -4.35 21.82
C ARG B 111 -1.18 -3.17 22.74
N THR B 112 -0.23 -3.34 23.66
CA THR B 112 0.08 -2.29 24.60
C THR B 112 0.78 -1.11 23.92
N VAL B 113 0.57 0.08 24.47
CA VAL B 113 1.24 1.26 23.95
C VAL B 113 2.74 1.03 24.04
N ALA B 114 3.43 1.24 22.91
CA ALA B 114 4.87 1.08 22.84
C ALA B 114 5.45 2.36 22.30
N ALA B 115 6.23 3.05 23.13
CA ALA B 115 6.95 4.22 22.66
C ALA B 115 7.94 3.81 21.56
N PRO B 116 8.15 4.67 20.57
CA PRO B 116 9.18 4.39 19.57
C PRO B 116 10.56 4.61 20.14
N SER B 117 11.49 3.77 19.71
CA SER B 117 12.89 4.18 19.71
C SER B 117 13.08 5.19 18.58
N VAL B 118 13.67 6.34 18.87
CA VAL B 118 13.87 7.38 17.88
C VAL B 118 15.35 7.38 17.53
N PHE B 119 15.63 7.02 16.29
CA PHE B 119 16.97 6.98 15.74
C PHE B 119 17.07 8.05 14.67
N ILE B 120 18.26 8.58 14.48
CA ILE B 120 18.48 9.58 13.45
C ILE B 120 19.72 9.21 12.66
N PHE B 121 19.64 9.36 11.35
CA PHE B 121 20.75 9.02 10.48
C PHE B 121 21.23 10.27 9.76
N PRO B 122 22.45 10.71 10.02
CA PRO B 122 23.00 11.84 9.29
C PRO B 122 23.18 11.49 7.83
N PRO B 123 23.26 12.48 6.96
CA PRO B 123 23.45 12.19 5.54
C PRO B 123 24.75 11.43 5.32
N SER B 124 24.73 10.52 4.37
CA SER B 124 25.93 9.80 3.98
C SER B 124 26.84 10.71 3.16
N ASP B 125 28.14 10.42 3.18
CA ASP B 125 29.05 11.20 2.35
C ASP B 125 28.82 10.94 0.87
N GLU B 126 28.39 9.73 0.49
CA GLU B 126 28.04 9.47 -0.90
C GLU B 126 26.92 10.39 -1.37
N GLN B 127 25.93 10.65 -0.52
CA GLN B 127 24.88 11.56 -0.92
C GLN B 127 25.39 12.98 -0.96
N LEU B 128 26.11 13.40 0.10
CA LEU B 128 26.64 14.76 0.11
C LEU B 128 27.48 15.03 -1.14
N LYS B 129 28.21 14.02 -1.61
CA LYS B 129 28.97 14.18 -2.86
C LYS B 129 28.07 14.49 -4.03
N SER B 130 26.84 13.97 -4.04
CA SER B 130 25.94 14.26 -5.13
C SER B 130 25.25 15.61 -5.01
N GLY B 131 25.53 16.40 -3.98
CA GLY B 131 24.91 17.69 -3.83
C GLY B 131 23.63 17.71 -3.01
N THR B 132 23.30 16.61 -2.33
CA THR B 132 22.05 16.52 -1.56
C THR B 132 22.34 15.93 -0.18
N ALA B 133 21.48 16.28 0.78
CA ALA B 133 21.56 15.78 2.14
C ALA B 133 20.17 15.34 2.60
N SER B 134 20.02 14.06 2.85
CA SER B 134 18.81 13.55 3.47
C SER B 134 19.14 13.17 4.91
N VAL B 135 18.37 13.69 5.83
CA VAL B 135 18.46 13.27 7.23
C VAL B 135 17.26 12.39 7.48
N VAL B 136 17.48 11.23 8.08
CA VAL B 136 16.40 10.27 8.28
C VAL B 136 16.19 10.11 9.77
N CYS B 137 14.97 10.39 10.20
CA CYS B 137 14.51 10.10 11.54
C CYS B 137 13.74 8.80 11.46
N LEU B 138 14.08 7.87 12.34
CA LEU B 138 13.48 6.56 12.32
C LEU B 138 12.80 6.34 13.66
N LEU B 139 11.49 6.08 13.62
CA LEU B 139 10.73 5.72 14.82
C LEU B 139 10.49 4.22 14.74
N ASN B 140 11.06 3.48 15.67
CA ASN B 140 11.07 2.02 15.61
C ASN B 140 10.08 1.41 16.59
N ASN B 141 9.32 0.45 16.09
CA ASN B 141 8.54 -0.48 16.91
C ASN B 141 7.73 0.29 17.95
N PHE B 142 6.78 1.05 17.43
CA PHE B 142 5.90 1.81 18.28
C PHE B 142 4.45 1.42 18.02
N TYR B 143 3.60 1.83 18.91
CA TYR B 143 2.18 1.52 18.87
C TYR B 143 1.49 2.43 19.87
N PRO B 144 0.34 3.02 19.52
CA PRO B 144 -0.31 2.81 18.22
C PRO B 144 0.36 3.60 17.11
N ARG B 145 -0.26 3.53 15.92
CA ARG B 145 0.37 4.01 14.69
C ARG B 145 0.62 5.49 14.73
N GLU B 146 -0.29 6.25 15.36
CA GLU B 146 -0.24 7.70 15.32
C GLU B 146 1.06 8.22 15.92
N ALA B 147 1.74 9.06 15.16
CA ALA B 147 2.98 9.66 15.63
C ALA B 147 3.18 10.96 14.85
N LYS B 148 3.83 11.91 15.50
CA LYS B 148 4.15 13.18 14.88
C LYS B 148 5.65 13.35 14.89
N VAL B 149 6.21 13.71 13.74
CA VAL B 149 7.61 14.04 13.61
C VAL B 149 7.70 15.51 13.24
N GLN B 150 8.40 16.28 14.05
CA GLN B 150 8.69 17.67 13.74
C GLN B 150 10.19 17.82 13.50
N TRP B 151 10.57 18.19 12.29
CA TRP B 151 11.98 18.48 12.00
C TRP B 151 12.35 19.86 12.50
N LYS B 152 13.59 19.98 12.98
CA LYS B 152 14.12 21.23 13.48
C LYS B 152 15.52 21.43 12.92
N VAL B 153 15.79 22.62 12.43
CA VAL B 153 17.08 22.99 11.85
C VAL B 153 17.55 24.25 12.56
N ASP B 154 18.69 24.15 13.25
CA ASP B 154 19.14 25.23 14.12
C ASP B 154 18.02 25.65 15.05
N ASN B 155 17.30 24.65 15.57
CA ASN B 155 16.17 24.78 16.48
C ASN B 155 15.00 25.58 15.88
N ALA B 156 14.96 25.79 14.58
CA ALA B 156 13.78 26.33 13.93
C ALA B 156 12.89 25.18 13.48
N LEU B 157 11.58 25.43 13.48
CA LEU B 157 10.64 24.46 12.94
C LEU B 157 10.84 24.39 11.43
N GLN B 158 11.21 23.22 10.94
CA GLN B 158 11.50 22.99 9.54
C GLN B 158 10.36 22.23 8.91
N SER B 159 9.95 22.65 7.72
CA SER B 159 8.86 21.98 7.03
C SER B 159 9.01 22.18 5.54
N GLY B 160 8.14 21.53 4.80
CA GLY B 160 8.09 21.66 3.37
C GLY B 160 8.89 20.60 2.64
N ASN B 161 9.90 20.02 3.27
CA ASN B 161 10.80 19.11 2.58
C ASN B 161 11.00 17.81 3.34
N SER B 162 9.99 17.37 4.06
CA SER B 162 10.05 16.08 4.73
C SER B 162 8.89 15.21 4.28
N GLN B 163 9.16 13.93 4.21
CA GLN B 163 8.10 12.96 4.00
C GLN B 163 8.36 11.81 4.95
N GLU B 164 7.28 11.15 5.32
CA GLU B 164 7.40 9.97 6.15
C GLU B 164 6.75 8.78 5.45
N SER B 165 7.23 7.62 5.83
CA SER B 165 6.63 6.36 5.43
C SER B 165 6.35 5.59 6.71
N VAL B 166 5.14 5.04 6.83
CA VAL B 166 4.76 4.21 7.95
C VAL B 166 4.67 2.79 7.45
N THR B 167 5.27 1.86 8.17
CA THR B 167 5.11 0.48 7.75
C THR B 167 3.70 -0.01 8.07
N GLU B 168 3.39 -1.18 7.53
CA GLU B 168 2.27 -1.97 8.01
C GLU B 168 2.61 -2.52 9.40
N GLN B 169 1.59 -2.98 10.10
CA GLN B 169 1.80 -3.52 11.42
C GLN B 169 2.50 -4.88 11.33
N ASP B 173 5.05 -8.99 17.96
CA ASP B 173 5.52 -7.61 17.86
C ASP B 173 4.32 -6.69 17.59
N SER B 174 3.83 -6.72 16.36
CA SER B 174 2.61 -5.99 15.99
C SER B 174 2.77 -4.50 16.23
N THR B 175 3.96 -3.97 16.03
CA THR B 175 4.17 -2.55 16.17
C THR B 175 4.34 -1.94 14.78
N TYR B 176 4.46 -0.63 14.76
CA TYR B 176 4.76 0.09 13.54
C TYR B 176 6.14 0.69 13.63
N SER B 177 6.74 0.89 12.46
CA SER B 177 7.89 1.76 12.33
C SER B 177 7.57 2.86 11.32
N LEU B 178 8.22 3.99 11.50
CA LEU B 178 8.02 5.15 10.65
C LEU B 178 9.39 5.76 10.37
N SER B 179 9.62 6.13 9.11
N SER B 179 9.65 6.04 9.11
CA SER B 179 10.85 6.79 8.69
CA SER B 179 10.81 6.81 8.69
C SER B 179 10.50 8.12 8.08
C SER B 179 10.31 8.16 8.25
N SER B 180 10.99 9.21 8.68
CA SER B 180 10.79 10.54 8.13
C SER B 180 12.11 11.01 7.56
N THR B 181 12.08 11.42 6.30
CA THR B 181 13.27 11.87 5.60
C THR B 181 13.16 13.36 5.37
N LEU B 182 14.12 14.11 5.88
CA LEU B 182 14.28 15.52 5.60
C LEU B 182 15.33 15.63 4.52
N THR B 183 14.98 16.25 3.39
CA THR B 183 15.87 16.26 2.25
C THR B 183 16.20 17.70 1.86
N LEU B 184 17.48 18.01 1.84
CA LEU B 184 18.01 19.34 1.60
C LEU B 184 19.02 19.29 0.46
N SER B 185 19.14 20.41 -0.23
CA SER B 185 20.34 20.60 -1.01
C SER B 185 21.55 20.60 -0.07
N LYS B 186 22.70 20.16 -0.59
CA LYS B 186 23.92 20.26 0.18
C LYS B 186 24.17 21.69 0.66
N ALA B 187 23.98 22.68 -0.24
CA ALA B 187 24.15 24.08 0.14
C ALA B 187 23.29 24.44 1.34
N ASP B 188 21.99 24.18 1.26
CA ASP B 188 21.10 24.40 2.40
C ASP B 188 21.58 23.63 3.62
N TYR B 189 21.97 22.37 3.44
CA TYR B 189 22.43 21.57 4.57
C TYR B 189 23.60 22.26 5.26
N GLU B 190 24.53 22.82 4.49
CA GLU B 190 25.73 23.43 5.05
C GLU B 190 25.48 24.81 5.64
N LYS B 191 24.29 25.39 5.43
CA LYS B 191 24.01 26.70 6.00
C LYS B 191 23.60 26.61 7.45
N HIS B 192 23.34 25.41 7.97
CA HIS B 192 22.91 25.26 9.35
C HIS B 192 23.68 24.12 9.99
N LYS B 193 23.58 24.05 11.31
CA LYS B 193 24.42 23.21 12.15
C LYS B 193 23.65 22.07 12.79
N VAL B 194 22.53 22.36 13.45
CA VAL B 194 21.82 21.38 14.26
C VAL B 194 20.61 20.89 13.48
N TYR B 195 20.55 19.58 13.28
CA TYR B 195 19.41 18.91 12.65
C TYR B 195 18.82 17.95 13.66
N ALA B 196 17.51 18.07 13.86
CA ALA B 196 16.84 17.31 14.91
C ALA B 196 15.45 16.93 14.45
N CYS B 197 14.99 15.77 14.87
CA CYS B 197 13.58 15.44 14.75
C CYS B 197 13.01 15.34 16.14
N GLU B 198 11.89 16.00 16.36
CA GLU B 198 11.18 15.95 17.63
C GLU B 198 9.96 15.08 17.43
N VAL B 199 9.80 14.08 18.27
CA VAL B 199 8.81 13.03 18.06
C VAL B 199 7.77 13.11 19.16
N THR B 200 6.50 13.03 18.77
CA THR B 200 5.36 13.02 19.67
C THR B 200 4.63 11.69 19.50
N HIS B 201 4.37 11.01 20.62
CA HIS B 201 3.69 9.72 20.59
C HIS B 201 3.07 9.46 21.96
N GLN B 202 1.94 8.73 21.96
CA GLN B 202 1.19 8.43 23.17
C GLN B 202 2.07 7.84 24.26
N GLY B 203 3.00 6.97 23.88
CA GLY B 203 3.93 6.38 24.82
C GLY B 203 5.07 7.28 25.25
N LEU B 204 5.08 8.53 24.81
CA LEU B 204 6.09 9.48 25.22
C LEU B 204 5.42 10.52 26.12
N SER B 205 5.86 10.59 27.37
CA SER B 205 5.30 11.59 28.27
C SER B 205 5.62 13.00 27.78
N SER B 206 6.80 13.19 27.21
CA SER B 206 7.21 14.46 26.62
C SER B 206 7.82 14.19 25.24
N PRO B 207 7.79 15.18 24.35
CA PRO B 207 8.40 14.98 23.03
C PRO B 207 9.86 14.58 23.16
N VAL B 208 10.26 13.58 22.40
CA VAL B 208 11.64 13.15 22.32
C VAL B 208 12.28 13.85 21.14
N THR B 209 13.44 14.46 21.37
CA THR B 209 14.20 15.10 20.31
C THR B 209 15.52 14.36 20.14
N LYS B 210 15.80 13.95 18.91
CA LYS B 210 17.08 13.39 18.54
C LYS B 210 17.74 14.34 17.55
N SER B 211 19.01 14.61 17.75
CA SER B 211 19.66 15.63 16.94
C SER B 211 21.08 15.21 16.62
N PHE B 212 21.63 15.85 15.60
CA PHE B 212 23.06 15.84 15.41
C PHE B 212 23.49 17.22 14.93
N ASN B 213 24.78 17.47 15.06
CA ASN B 213 25.42 18.63 14.47
C ASN B 213 26.08 18.18 13.18
N ARG B 214 25.86 18.94 12.11
CA ARG B 214 26.45 18.60 10.83
C ARG B 214 27.97 18.45 10.97
N GLY B 215 28.52 17.40 10.34
CA GLY B 215 29.91 17.08 10.47
C GLY B 215 30.32 16.43 11.76
N GLU B 216 29.42 16.36 12.74
CA GLU B 216 29.70 15.81 14.06
C GLU B 216 28.43 15.23 14.68
N CYS B 217 28.12 15.65 15.90
CA CYS B 217 26.89 15.28 16.58
C CYS B 217 26.37 16.46 17.40
N ASP C 8 -28.57 -15.27 -9.65
CA ASP C 8 -29.58 -14.22 -9.67
C ASP C 8 -29.07 -12.90 -10.25
N PHE C 9 -28.03 -12.31 -9.65
CA PHE C 9 -27.60 -10.99 -10.11
C PHE C 9 -27.12 -11.03 -11.55
N GLN C 10 -26.44 -12.12 -11.95
CA GLN C 10 -26.05 -12.25 -13.34
C GLN C 10 -27.26 -12.16 -14.26
N ASP C 11 -28.36 -12.80 -13.88
CA ASP C 11 -29.59 -12.70 -14.67
C ASP C 11 -30.14 -11.27 -14.66
N GLU C 12 -29.93 -10.52 -13.58
CA GLU C 12 -30.37 -9.12 -13.56
C GLU C 12 -29.60 -8.30 -14.57
N LEU C 13 -28.27 -8.45 -14.59
CA LEU C 13 -27.46 -7.75 -15.57
C LEU C 13 -27.81 -8.17 -16.99
N ASP C 14 -27.99 -9.49 -17.20
CA ASP C 14 -28.49 -9.99 -18.48
C ASP C 14 -29.76 -9.24 -18.89
N GLU C 15 -30.70 -9.07 -17.94
CA GLU C 15 -31.95 -8.41 -18.26
C GLU C 15 -31.73 -6.94 -18.57
N PHE C 16 -30.84 -6.27 -17.83
CA PHE C 16 -30.51 -4.89 -18.18
C PHE C 16 -29.95 -4.81 -19.59
N PHE C 17 -28.97 -5.65 -19.91
CA PHE C 17 -28.31 -5.52 -21.20
C PHE C 17 -29.21 -5.94 -22.35
N LYS C 18 -30.13 -6.88 -22.12
CA LYS C 18 -31.08 -7.20 -23.17
C LYS C 18 -31.98 -6.02 -23.48
N ASN C 19 -32.33 -5.20 -22.49
CA ASN C 19 -33.15 -4.01 -22.71
C ASN C 19 -32.36 -2.87 -23.31
MG MG D . -14.15 -20.04 -7.35
MG MG E . -0.74 -2.17 -22.31
MG MG F . 24.41 -7.19 -6.09
MG MG G . 6.35 -3.84 6.40
MG MG H . 17.50 12.79 -4.02
MG MG I . 7.95 -1.67 -2.86
MG MG J . -24.46 -16.07 -20.00
MG MG K . 20.30 -8.92 -9.35
CL CL L . -30.29 -2.79 -3.12
MG MG M . -36.91 -10.24 -19.70
#